data_7OOZ
#
_entry.id   7OOZ
#
_cell.length_a   113.736
_cell.length_b   113.736
_cell.length_c   113.736
_cell.angle_alpha   90.000
_cell.angle_beta   90.000
_cell.angle_gamma   90.000
#
_symmetry.space_group_name_H-M   'P 21 3'
#
loop_
_entity.id
_entity.type
_entity.pdbx_description
1 polymer 'Purine nucleoside phosphorylase DeoD-type'
2 non-polymer GLYCEROL
3 non-polymer 'MAGNESIUM ION'
4 non-polymer 6-benzyloxo-2-chloropurine
5 non-polymer 2-AMINO-2-HYDROXYMETHYL-PROPANE-1,3-DIOL
6 non-polymer 'PHOSPHATE ION'
7 water water
#
_entity_poly.entity_id   1
_entity_poly.type   'polypeptide(L)'
_entity_poly.pdbx_seq_one_letter_code
;MTPHINAKIGDFYPQCLLCGDPLRVSYIAKKFLQDAKEITNVRNMLGFSGKYKGRGISLMGHGMGIASCTIYVTELIKTY
QVKELLRIGTCGAISPKVGLKDIIMATGASTDSKTNRVRFLNHDLSATPDFELSLRAYQTAKRLGIDLKVGNVFSSDFFY
SFETHAFDLMAKYNHLAIEMEAAGLYATAMELNAKALCLCSVSDHLITKEALSPKERVESFDNMIILALEMMS
;
_entity_poly.pdbx_strand_id   A,B
#
loop_
_chem_comp.id
_chem_comp.type
_chem_comp.name
_chem_comp.formula
05Q non-polymer 6-benzyloxo-2-chloropurine 'C12 H9 Cl N4 O'
GOL non-polymer GLYCEROL 'C3 H8 O3'
MG non-polymer 'MAGNESIUM ION' 'Mg 2'
PO4 non-polymer 'PHOSPHATE ION' 'O4 P -3'
TRS non-polymer 2-AMINO-2-HYDROXYMETHYL-PROPANE-1,3-DIOL 'C4 H12 N O3 1'
#
# COMPACT_ATOMS: atom_id res chain seq x y z
N MET A 1 -4.23 12.15 -16.86
N MET A 1 -5.20 11.96 -14.44
CA MET A 1 -4.49 11.51 -15.56
CA MET A 1 -4.38 11.56 -15.58
C MET A 1 -3.68 10.22 -15.39
C MET A 1 -3.86 10.12 -15.46
N THR A 2 -3.90 9.56 -14.25
CA THR A 2 -3.40 8.21 -13.99
C THR A 2 -4.50 7.42 -13.30
N PRO A 3 -4.36 6.10 -13.14
CA PRO A 3 -5.38 5.36 -12.39
C PRO A 3 -5.47 5.74 -10.93
N HIS A 4 -4.41 6.30 -10.33
CA HIS A 4 -4.32 6.45 -8.88
C HIS A 4 -4.25 7.90 -8.42
N ILE A 5 -4.21 8.86 -9.35
CA ILE A 5 -4.14 10.28 -9.04
C ILE A 5 -5.05 11.00 -10.02
N ASN A 6 -5.92 11.88 -9.51
CA ASN A 6 -6.82 12.61 -10.38
C ASN A 6 -6.56 14.11 -10.39
N ALA A 7 -5.34 14.52 -10.05
CA ALA A 7 -4.92 15.91 -10.20
C ALA A 7 -4.69 16.26 -11.66
N LYS A 8 -4.76 17.55 -11.94
CA LYS A 8 -4.41 18.06 -13.27
C LYS A 8 -2.90 18.13 -13.36
N ILE A 9 -2.35 17.79 -14.53
CA ILE A 9 -0.92 18.00 -14.74
C ILE A 9 -0.63 19.48 -14.53
N GLY A 10 0.37 19.78 -13.69
CA GLY A 10 0.64 21.14 -13.25
C GLY A 10 0.12 21.45 -11.85
N ASP A 11 -0.78 20.63 -11.30
CA ASP A 11 -1.27 20.86 -9.95
C ASP A 11 -0.19 20.65 -8.90
N PHE A 12 0.80 19.80 -9.18
CA PHE A 12 1.87 19.53 -8.22
C PHE A 12 3.03 20.50 -8.42
N TYR A 13 3.53 21.06 -7.32
CA TYR A 13 4.81 21.75 -7.33
C TYR A 13 5.94 20.73 -7.52
N PRO A 14 7.12 21.18 -7.97
CA PRO A 14 8.23 20.22 -8.19
C PRO A 14 8.80 19.61 -6.92
N GLN A 15 8.49 20.15 -5.73
CA GLN A 15 8.92 19.61 -4.46
C GLN A 15 7.71 19.07 -3.72
N CYS A 16 7.81 17.82 -3.25
CA CYS A 16 6.69 17.12 -2.65
C CYS A 16 7.12 16.41 -1.38
N LEU A 17 6.40 16.65 -0.28
CA LEU A 17 6.56 15.90 0.95
C LEU A 17 5.57 14.72 0.93
N LEU A 18 6.04 13.54 1.35
CA LEU A 18 5.19 12.35 1.32
C LEU A 18 5.10 11.68 2.69
N CYS A 19 3.93 11.09 2.95
CA CYS A 19 3.67 10.27 4.12
CA CYS A 19 3.70 10.26 4.13
C CYS A 19 2.84 9.06 3.71
N GLY A 20 3.03 7.95 4.42
CA GLY A 20 2.20 6.78 4.12
C GLY A 20 0.73 7.03 4.42
N ASP A 21 0.45 7.81 5.47
CA ASP A 21 -0.90 8.04 5.96
C ASP A 21 -1.47 9.31 5.35
N PRO A 22 -2.50 9.22 4.49
CA PRO A 22 -3.05 10.44 3.87
C PRO A 22 -3.71 11.38 4.86
N LEU A 23 -4.14 10.89 6.03
CA LEU A 23 -4.68 11.81 7.05
C LEU A 23 -3.55 12.60 7.70
N ARG A 24 -2.34 12.06 7.72
CA ARG A 24 -1.22 12.87 8.20
C ARG A 24 -0.87 13.93 7.17
N VAL A 25 -1.01 13.60 5.88
CA VAL A 25 -0.85 14.59 4.81
C VAL A 25 -1.86 15.72 4.96
N SER A 26 -3.12 15.36 5.20
CA SER A 26 -4.17 16.35 5.44
C SER A 26 -3.85 17.22 6.64
N TYR A 27 -3.42 16.61 7.74
CA TYR A 27 -3.01 17.36 8.93
C TYR A 27 -1.94 18.39 8.60
N ILE A 28 -0.92 17.99 7.84
CA ILE A 28 0.16 18.91 7.48
C ILE A 28 -0.38 20.07 6.65
N ALA A 29 -1.24 19.77 5.67
CA ALA A 29 -1.80 20.81 4.83
C ALA A 29 -2.59 21.82 5.65
N LYS A 30 -3.33 21.34 6.64
CA LYS A 30 -4.23 22.19 7.41
C LYS A 30 -3.47 23.01 8.46
N LYS A 31 -2.46 22.41 9.07
CA LYS A 31 -1.75 23.04 10.18
C LYS A 31 -0.56 23.88 9.75
N PHE A 32 0.13 23.52 8.66
CA PHE A 32 1.41 24.13 8.33
C PHE A 32 1.45 24.88 7.01
N LEU A 33 0.53 24.64 6.09
CA LEU A 33 0.54 25.30 4.80
C LEU A 33 -0.47 26.43 4.76
N GLN A 34 -0.17 27.41 3.91
CA GLN A 34 -1.07 28.50 3.60
C GLN A 34 -1.72 28.24 2.25
N ASP A 35 -3.03 28.51 2.16
CA ASP A 35 -3.76 28.43 0.90
C ASP A 35 -3.74 27.00 0.34
N ALA A 36 -3.85 26.01 1.22
CA ALA A 36 -3.69 24.62 0.81
C ALA A 36 -4.92 24.16 0.06
N LYS A 37 -4.71 23.53 -1.10
CA LYS A 37 -5.76 23.02 -1.97
C LYS A 37 -5.63 21.51 -2.07
N GLU A 38 -6.71 20.77 -1.82
CA GLU A 38 -6.69 19.33 -2.09
C GLU A 38 -6.72 19.11 -3.59
N ILE A 39 -5.74 18.39 -4.12
CA ILE A 39 -5.59 18.26 -5.57
C ILE A 39 -5.80 16.82 -6.06
N THR A 40 -5.81 15.83 -5.18
CA THR A 40 -6.11 14.48 -5.62
C THR A 40 -6.72 13.71 -4.46
N ASN A 41 -7.60 12.74 -4.79
CA ASN A 41 -8.24 11.95 -3.73
C ASN A 41 -8.65 10.55 -4.19
N VAL A 42 -8.08 10.03 -5.28
CA VAL A 42 -8.40 8.68 -5.70
C VAL A 42 -8.04 7.70 -4.58
N ARG A 43 -8.92 6.72 -4.32
CA ARG A 43 -8.71 5.71 -3.28
C ARG A 43 -8.52 6.34 -1.90
N ASN A 44 -9.02 7.56 -1.71
CA ASN A 44 -8.89 8.30 -0.46
C ASN A 44 -7.43 8.64 -0.16
N MET A 45 -6.56 8.57 -1.15
CA MET A 45 -5.14 8.86 -0.94
C MET A 45 -4.96 10.33 -1.32
N LEU A 46 -4.91 11.19 -0.32
CA LEU A 46 -5.04 12.63 -0.51
C LEU A 46 -3.71 13.27 -0.87
N GLY A 47 -3.75 14.25 -1.75
CA GLY A 47 -2.61 15.10 -1.99
C GLY A 47 -3.04 16.55 -2.06
N PHE A 48 -2.11 17.45 -1.72
CA PHE A 48 -2.38 18.87 -1.54
C PHE A 48 -1.27 19.69 -2.18
N SER A 49 -1.62 20.94 -2.53
CA SER A 49 -0.62 21.95 -2.86
C SER A 49 -0.92 23.20 -2.03
N GLY A 50 0.11 23.79 -1.45
CA GLY A 50 -0.02 25.00 -0.68
C GLY A 50 1.30 25.73 -0.64
N LYS A 51 1.41 26.70 0.27
CA LYS A 51 2.61 27.52 0.42
C LYS A 51 3.17 27.41 1.83
N TYR A 52 4.49 27.36 1.93
CA TYR A 52 5.16 27.43 3.21
C TYR A 52 6.18 28.55 3.12
N LYS A 53 6.05 29.54 4.00
CA LYS A 53 6.85 30.76 3.94
C LYS A 53 7.00 31.25 2.51
N GLY A 54 5.85 31.36 1.83
CA GLY A 54 5.79 31.80 0.46
C GLY A 54 6.29 30.81 -0.58
N ARG A 55 6.74 29.64 -0.17
CA ARG A 55 7.28 28.63 -1.08
C ARG A 55 6.20 27.63 -1.41
N GLY A 56 5.99 27.39 -2.71
CA GLY A 56 5.04 26.38 -3.13
C GLY A 56 5.54 24.99 -2.77
N ILE A 57 4.69 24.21 -2.13
CA ILE A 57 5.05 22.87 -1.70
C ILE A 57 3.84 21.95 -1.87
N SER A 58 4.07 20.73 -2.36
CA SER A 58 3.02 19.74 -2.45
C SER A 58 3.21 18.66 -1.39
N LEU A 59 2.10 17.98 -1.08
CA LEU A 59 2.06 16.88 -0.12
C LEU A 59 1.34 15.71 -0.77
N MET A 60 1.80 14.49 -0.54
CA MET A 60 1.05 13.40 -1.14
C MET A 60 1.18 12.15 -0.28
N GLY A 61 0.06 11.44 -0.10
CA GLY A 61 0.09 10.16 0.59
C GLY A 61 0.58 9.05 -0.33
N HIS A 62 1.29 8.07 0.25
CA HIS A 62 1.79 6.98 -0.58
C HIS A 62 1.39 5.57 -0.12
N GLY A 63 0.62 5.44 0.95
CA GLY A 63 0.19 4.11 1.40
C GLY A 63 1.32 3.33 2.05
N MET A 64 1.02 2.07 2.37
CA MET A 64 1.97 1.24 3.10
C MET A 64 2.65 0.23 2.18
N GLY A 65 3.96 0.07 2.32
CA GLY A 65 4.62 -0.99 1.57
C GLY A 65 5.29 -0.47 0.31
N ILE A 66 6.35 -1.16 -0.09
CA ILE A 66 7.17 -0.74 -1.24
C ILE A 66 6.32 -0.65 -2.50
N ALA A 67 5.45 -1.63 -2.73
CA ALA A 67 4.67 -1.66 -3.97
C ALA A 67 3.73 -0.47 -4.05
N SER A 68 3.06 -0.13 -2.94
CA SER A 68 2.20 1.05 -2.92
C SER A 68 3.02 2.32 -3.14
N CYS A 69 4.12 2.47 -2.38
CA CYS A 69 4.95 3.67 -2.53
C CYS A 69 5.42 3.83 -3.98
N THR A 70 5.83 2.73 -4.61
CA THR A 70 6.38 2.80 -5.96
C THR A 70 5.36 3.29 -6.98
N ILE A 71 4.08 2.91 -6.81
CA ILE A 71 3.04 3.40 -7.72
C ILE A 71 2.97 4.91 -7.66
N TYR A 72 2.82 5.47 -6.46
CA TYR A 72 2.61 6.91 -6.36
C TYR A 72 3.87 7.68 -6.78
N VAL A 73 5.05 7.22 -6.37
CA VAL A 73 6.27 7.95 -6.71
C VAL A 73 6.52 7.94 -8.21
N THR A 74 6.28 6.80 -8.85
CA THR A 74 6.41 6.71 -10.31
C THR A 74 5.49 7.71 -10.99
N GLU A 75 4.23 7.75 -10.57
CA GLU A 75 3.30 8.68 -11.21
C GLU A 75 3.68 10.13 -10.93
N LEU A 76 4.11 10.43 -9.70
CA LEU A 76 4.47 11.81 -9.37
C LEU A 76 5.61 12.29 -10.23
N ILE A 77 6.63 11.44 -10.44
CA ILE A 77 7.77 11.85 -11.25
C ILE A 77 7.41 11.91 -12.74
N LYS A 78 6.80 10.84 -13.25
CA LYS A 78 6.71 10.68 -14.70
C LYS A 78 5.55 11.47 -15.29
N THR A 79 4.43 11.53 -14.58
CA THR A 79 3.27 12.26 -15.06
C THR A 79 3.22 13.69 -14.52
N TYR A 80 3.51 13.88 -13.24
CA TYR A 80 3.32 15.18 -12.62
C TYR A 80 4.61 15.97 -12.45
N GLN A 81 5.73 15.47 -13.00
CA GLN A 81 6.99 16.20 -13.10
C GLN A 81 7.56 16.63 -11.76
N VAL A 82 7.23 15.89 -10.70
CA VAL A 82 7.84 16.16 -9.40
C VAL A 82 9.32 15.79 -9.45
N LYS A 83 10.17 16.66 -8.90
CA LYS A 83 11.62 16.56 -8.97
C LYS A 83 12.29 16.20 -7.65
N GLU A 84 11.71 16.59 -6.51
CA GLU A 84 12.30 16.34 -5.21
CA GLU A 84 12.30 16.34 -5.21
C GLU A 84 11.22 15.77 -4.29
N LEU A 85 11.51 14.61 -3.70
CA LEU A 85 10.53 13.87 -2.90
C LEU A 85 11.12 13.58 -1.54
N LEU A 86 10.52 14.12 -0.49
CA LEU A 86 10.98 13.94 0.87
C LEU A 86 9.90 13.14 1.61
N ARG A 87 10.24 11.91 1.98
CA ARG A 87 9.31 11.07 2.74
CA ARG A 87 9.31 11.07 2.74
C ARG A 87 9.58 11.24 4.23
N ILE A 88 8.52 11.51 5.00
CA ILE A 88 8.61 11.53 6.45
C ILE A 88 7.62 10.51 7.01
N GLY A 89 8.04 9.77 8.03
CA GLY A 89 7.17 8.76 8.59
C GLY A 89 7.66 8.36 9.97
N THR A 90 6.96 7.41 10.56
CA THR A 90 7.44 6.81 11.81
C THR A 90 8.22 5.54 11.48
N CYS A 91 9.03 5.10 12.43
CA CYS A 91 9.74 3.85 12.26
C CYS A 91 9.93 3.22 13.64
N GLY A 92 10.17 1.91 13.63
CA GLY A 92 10.42 1.19 14.86
C GLY A 92 11.91 1.00 15.06
N ALA A 93 12.43 1.57 16.15
CA ALA A 93 13.87 1.47 16.42
C ALA A 93 14.28 0.04 16.74
N ILE A 94 15.47 -0.35 16.26
CA ILE A 94 16.06 -1.64 16.57
C ILE A 94 17.50 -1.52 17.05
N SER A 95 18.03 -0.31 17.16
CA SER A 95 19.42 -0.05 17.51
C SER A 95 19.52 0.65 18.84
N PRO A 96 20.50 0.29 19.68
CA PRO A 96 20.76 1.07 20.90
C PRO A 96 21.28 2.47 20.62
N LYS A 97 21.66 2.79 19.37
CA LYS A 97 22.15 4.12 19.04
C LYS A 97 21.04 5.15 18.92
N VAL A 98 19.77 4.73 18.92
CA VAL A 98 18.67 5.67 18.79
C VAL A 98 17.66 5.40 19.90
N GLY A 99 16.89 6.42 20.22
CA GLY A 99 15.86 6.31 21.24
C GLY A 99 14.58 6.99 20.81
N LEU A 100 13.56 6.85 21.65
CA LEU A 100 12.26 7.46 21.37
C LEU A 100 12.42 8.95 21.10
N LYS A 101 11.71 9.44 20.10
CA LYS A 101 11.64 10.83 19.63
C LYS A 101 12.81 11.20 18.72
N ASP A 102 13.81 10.34 18.54
CA ASP A 102 14.89 10.66 17.60
C ASP A 102 14.34 10.77 16.19
N ILE A 103 14.97 11.61 15.38
CA ILE A 103 14.72 11.65 13.94
C ILE A 103 15.91 11.02 13.24
N ILE A 104 15.63 10.06 12.35
CA ILE A 104 16.65 9.34 11.59
C ILE A 104 16.62 9.79 10.14
N MET A 105 17.80 10.08 9.58
CA MET A 105 18.01 10.26 8.16
C MET A 105 18.55 8.96 7.59
N ALA A 106 17.84 8.36 6.63
CA ALA A 106 18.25 7.07 6.09
C ALA A 106 19.19 7.26 4.91
N THR A 107 20.50 7.02 5.11
CA THR A 107 21.43 7.14 4.00
C THR A 107 21.55 5.85 3.21
N GLY A 108 20.81 4.82 3.62
CA GLY A 108 20.65 3.61 2.84
C GLY A 108 19.42 2.89 3.33
N ALA A 109 18.83 2.08 2.46
CA ALA A 109 17.62 1.34 2.80
C ALA A 109 17.84 -0.08 2.33
N SER A 110 18.10 -0.99 3.26
CA SER A 110 18.14 -2.42 2.97
C SER A 110 16.72 -2.94 2.83
N THR A 111 16.55 -4.18 2.33
CA THR A 111 15.17 -4.68 2.21
C THR A 111 15.13 -6.21 2.17
N ASP A 112 13.97 -6.78 2.53
CA ASP A 112 13.66 -8.19 2.29
C ASP A 112 12.76 -8.36 1.07
N SER A 113 12.46 -7.28 0.35
CA SER A 113 11.71 -7.28 -0.90
C SER A 113 12.53 -7.92 -2.02
N LYS A 114 11.83 -8.45 -3.03
CA LYS A 114 12.51 -8.85 -4.27
C LYS A 114 12.58 -7.71 -5.29
N THR A 115 12.03 -6.54 -4.97
CA THR A 115 11.78 -5.55 -6.01
C THR A 115 13.08 -5.03 -6.64
N ASN A 116 14.13 -4.89 -5.84
CA ASN A 116 15.35 -4.32 -6.40
C ASN A 116 16.14 -5.36 -7.17
N ARG A 117 16.04 -6.65 -6.79
CA ARG A 117 16.61 -7.70 -7.63
C ARG A 117 15.91 -7.76 -8.97
N VAL A 118 14.58 -7.59 -8.98
CA VAL A 118 13.84 -7.55 -10.25
C VAL A 118 14.26 -6.35 -11.07
N ARG A 119 14.45 -5.19 -10.41
CA ARG A 119 14.87 -3.98 -11.12
C ARG A 119 16.29 -4.07 -11.64
N PHE A 120 17.16 -4.77 -10.92
CA PHE A 120 18.59 -4.53 -11.04
C PHE A 120 19.34 -5.85 -11.23
N LEU A 121 19.01 -6.57 -12.31
CA LEU A 121 19.86 -7.63 -12.84
C LEU A 121 19.99 -8.83 -11.92
N ASN A 122 19.08 -8.99 -10.95
CA ASN A 122 19.20 -10.02 -9.91
C ASN A 122 20.42 -9.83 -9.03
N HIS A 123 21.05 -8.65 -9.06
CA HIS A 123 22.15 -8.32 -8.17
C HIS A 123 21.65 -7.54 -6.95
N ASP A 124 22.59 -6.98 -6.19
CA ASP A 124 22.29 -6.20 -4.96
C ASP A 124 22.34 -4.72 -5.32
N LEU A 125 21.20 -4.07 -5.39
CA LEU A 125 21.13 -2.61 -5.51
C LEU A 125 21.29 -1.97 -4.14
N SER A 126 22.29 -1.10 -4.01
CA SER A 126 22.40 -0.31 -2.78
C SER A 126 21.48 0.89 -2.94
N ALA A 127 20.31 0.82 -2.30
CA ALA A 127 19.29 1.86 -2.44
C ALA A 127 19.64 3.03 -1.54
N THR A 128 19.91 4.19 -2.16
CA THR A 128 20.46 5.35 -1.46
C THR A 128 19.69 6.61 -1.85
N PRO A 129 19.69 7.61 -0.97
CA PRO A 129 19.03 8.89 -1.26
C PRO A 129 19.93 9.79 -2.09
N ASP A 130 19.36 10.89 -2.57
CA ASP A 130 20.14 11.93 -3.23
C ASP A 130 21.06 12.59 -2.21
N PHE A 131 22.34 12.71 -2.55
CA PHE A 131 23.30 13.21 -1.56
C PHE A 131 23.05 14.67 -1.20
N GLU A 132 22.74 15.51 -2.20
CA GLU A 132 22.55 16.95 -1.93
C GLU A 132 21.35 17.15 -1.01
N LEU A 133 20.28 16.37 -1.21
CA LEU A 133 19.13 16.43 -0.32
C LEU A 133 19.51 16.01 1.10
N SER A 134 20.33 14.96 1.24
CA SER A 134 20.76 14.57 2.58
C SER A 134 21.63 15.65 3.21
N LEU A 135 22.45 16.32 2.41
CA LEU A 135 23.21 17.48 2.91
C LEU A 135 22.29 18.56 3.40
N ARG A 136 21.26 18.88 2.61
CA ARG A 136 20.31 19.91 3.01
C ARG A 136 19.61 19.54 4.30
N ALA A 137 19.25 18.27 4.47
CA ALA A 137 18.60 17.86 5.71
C ALA A 137 19.54 18.04 6.90
N TYR A 138 20.81 17.65 6.73
CA TYR A 138 21.79 17.79 7.81
C TYR A 138 22.00 19.25 8.18
N GLN A 139 22.17 20.13 7.19
CA GLN A 139 22.39 21.55 7.50
C GLN A 139 21.15 22.19 8.10
N THR A 140 19.97 21.85 7.62
CA THR A 140 18.73 22.39 8.21
C THR A 140 18.55 21.90 9.63
N ALA A 141 18.82 20.62 9.88
CA ALA A 141 18.68 20.10 11.24
C ALA A 141 19.62 20.81 12.19
N LYS A 142 20.86 21.05 11.76
CA LYS A 142 21.78 21.77 12.65
C LYS A 142 21.29 23.19 12.91
N ARG A 143 20.76 23.85 11.88
CA ARG A 143 20.21 25.18 12.06
C ARG A 143 19.04 25.18 13.04
N LEU A 144 18.21 24.13 13.02
CA LEU A 144 17.07 24.01 13.91
C LEU A 144 17.43 23.39 15.26
N GLY A 145 18.68 22.99 15.45
CA GLY A 145 19.06 22.37 16.71
C GLY A 145 18.58 20.94 16.88
N ILE A 146 18.33 20.23 15.78
CA ILE A 146 17.90 18.84 15.83
C ILE A 146 19.13 17.95 15.74
N ASP A 147 19.22 16.97 16.63
CA ASP A 147 20.29 15.96 16.63
C ASP A 147 19.90 14.85 15.68
N LEU A 148 20.22 15.02 14.41
CA LEU A 148 19.81 14.06 13.40
C LEU A 148 20.62 12.76 13.56
N LYS A 149 19.92 11.63 13.68
CA LYS A 149 20.57 10.32 13.70
C LYS A 149 20.66 9.84 12.25
N VAL A 150 21.83 9.34 11.85
CA VAL A 150 22.08 9.02 10.44
C VAL A 150 22.54 7.57 10.35
N GLY A 151 21.94 6.82 9.43
CA GLY A 151 22.33 5.43 9.23
C GLY A 151 21.39 4.76 8.24
N ASN A 152 21.48 3.44 8.17
CA ASN A 152 20.55 2.72 7.31
C ASN A 152 19.21 2.49 8.02
N VAL A 153 18.18 2.24 7.22
CA VAL A 153 16.96 1.64 7.72
C VAL A 153 16.78 0.35 6.93
N PHE A 154 15.91 -0.51 7.46
CA PHE A 154 15.51 -1.74 6.81
C PHE A 154 14.06 -1.61 6.39
N SER A 155 13.80 -1.70 5.07
CA SER A 155 12.45 -1.60 4.50
C SER A 155 11.89 -3.00 4.32
N SER A 156 10.85 -3.35 5.08
CA SER A 156 10.33 -4.71 5.06
C SER A 156 8.99 -4.78 4.33
N ASP A 157 8.74 -5.94 3.69
CA ASP A 157 7.42 -6.32 3.20
C ASP A 157 6.50 -6.75 4.34
N PHE A 158 7.00 -6.84 5.56
CA PHE A 158 6.27 -7.42 6.68
C PHE A 158 6.18 -6.41 7.81
N PHE A 159 4.95 -5.99 8.13
CA PHE A 159 4.74 -5.26 9.39
C PHE A 159 4.83 -6.21 10.58
N TYR A 160 4.20 -7.37 10.47
CA TYR A 160 4.26 -8.41 11.49
C TYR A 160 5.35 -9.37 11.05
N SER A 161 6.54 -9.18 11.60
CA SER A 161 7.75 -9.84 11.10
C SER A 161 7.79 -11.30 11.52
N PHE A 162 8.28 -12.15 10.61
CA PHE A 162 8.63 -13.54 10.93
C PHE A 162 10.10 -13.72 11.29
N GLU A 163 10.87 -12.64 11.37
CA GLU A 163 12.32 -12.70 11.54
C GLU A 163 12.78 -11.81 12.68
N THR A 164 12.01 -11.78 13.78
CA THR A 164 12.35 -10.84 14.86
C THR A 164 13.68 -11.20 15.53
N HIS A 165 14.03 -12.48 15.51
CA HIS A 165 15.35 -12.92 15.95
C HIS A 165 16.50 -12.23 15.23
N ALA A 166 16.25 -11.66 14.05
CA ALA A 166 17.28 -11.04 13.21
C ALA A 166 17.45 -9.54 13.45
N PHE A 167 16.62 -8.91 14.29
CA PHE A 167 16.74 -7.47 14.50
C PHE A 167 18.13 -7.10 15.01
N ASP A 168 18.70 -7.91 15.91
CA ASP A 168 20.01 -7.58 16.46
C ASP A 168 21.06 -7.59 15.36
N LEU A 169 20.97 -8.57 14.45
CA LEU A 169 21.88 -8.58 13.30
C LEU A 169 21.70 -7.34 12.44
N MET A 170 20.46 -6.92 12.16
CA MET A 170 20.36 -5.69 11.39
C MET A 170 20.94 -4.50 12.15
N ALA A 171 20.74 -4.42 13.46
CA ALA A 171 21.32 -3.29 14.21
C ALA A 171 22.85 -3.32 14.15
N LYS A 172 23.43 -4.51 14.18
CA LYS A 172 24.88 -4.66 14.06
C LYS A 172 25.41 -3.98 12.79
N TYR A 173 24.69 -4.15 11.68
CA TYR A 173 25.07 -3.57 10.39
C TYR A 173 24.52 -2.17 10.20
N ASN A 174 24.26 -1.43 11.28
CA ASN A 174 23.93 -0.01 11.25
C ASN A 174 22.54 0.26 10.68
N HIS A 175 21.61 -0.67 10.85
CA HIS A 175 20.21 -0.39 10.61
C HIS A 175 19.60 0.13 11.91
N LEU A 176 19.21 1.39 11.90
CA LEU A 176 18.73 2.04 13.11
C LEU A 176 17.26 1.76 13.37
N ALA A 177 16.48 1.51 12.32
CA ALA A 177 15.05 1.32 12.47
C ALA A 177 14.53 0.53 11.29
N ILE A 178 13.30 0.04 11.45
CA ILE A 178 12.58 -0.67 10.41
C ILE A 178 11.40 0.17 9.96
N GLU A 179 11.16 0.22 8.66
CA GLU A 179 9.91 0.79 8.12
C GLU A 179 9.60 -0.03 6.86
N MET A 180 8.72 0.46 5.99
CA MET A 180 8.30 -0.39 4.87
C MET A 180 8.29 0.24 3.49
N GLU A 181 8.90 1.41 3.29
CA GLU A 181 8.85 2.03 1.97
C GLU A 181 10.16 2.60 1.45
N ALA A 182 11.14 2.91 2.32
CA ALA A 182 12.28 3.73 1.89
C ALA A 182 13.03 3.09 0.72
N ALA A 183 13.24 1.77 0.75
CA ALA A 183 14.00 1.15 -0.33
C ALA A 183 13.30 1.30 -1.67
N GLY A 184 11.96 1.33 -1.67
CA GLY A 184 11.21 1.52 -2.89
C GLY A 184 11.22 2.98 -3.37
N LEU A 185 11.04 3.92 -2.43
CA LEU A 185 11.24 5.33 -2.74
C LEU A 185 12.59 5.56 -3.38
N TYR A 186 13.65 5.04 -2.76
CA TYR A 186 15.00 5.30 -3.25
C TYR A 186 15.25 4.66 -4.61
N ALA A 187 14.86 3.39 -4.79
CA ALA A 187 15.09 2.72 -6.06
C ALA A 187 14.31 3.40 -7.20
N THR A 188 13.06 3.78 -6.93
CA THR A 188 12.25 4.44 -7.97
C THR A 188 12.89 5.77 -8.36
N ALA A 189 13.30 6.56 -7.37
CA ALA A 189 13.92 7.85 -7.68
C ALA A 189 15.23 7.66 -8.44
N MET A 190 15.96 6.58 -8.13
CA MET A 190 17.22 6.32 -8.81
C MET A 190 16.94 6.00 -10.28
N GLU A 191 15.95 5.12 -10.52
CA GLU A 191 15.56 4.74 -11.87
C GLU A 191 15.17 5.94 -12.72
N LEU A 192 14.44 6.87 -12.13
CA LEU A 192 13.79 7.97 -12.84
C LEU A 192 14.50 9.30 -12.70
N ASN A 193 15.70 9.32 -12.12
CA ASN A 193 16.52 10.53 -12.02
C ASN A 193 15.78 11.65 -11.27
N ALA A 194 15.25 11.30 -10.10
CA ALA A 194 14.65 12.27 -9.18
C ALA A 194 15.43 12.24 -7.88
N LYS A 195 15.28 13.31 -7.10
CA LYS A 195 15.98 13.43 -5.82
C LYS A 195 15.02 13.02 -4.70
N ALA A 196 15.47 12.08 -3.86
CA ALA A 196 14.59 11.55 -2.82
C ALA A 196 15.36 11.40 -1.52
N LEU A 197 14.64 11.54 -0.41
CA LEU A 197 15.23 11.34 0.91
C LEU A 197 14.13 10.87 1.85
N CYS A 198 14.50 10.02 2.81
CA CYS A 198 13.59 9.54 3.84
C CYS A 198 14.10 9.93 5.22
N LEU A 199 13.25 10.59 5.99
CA LEU A 199 13.42 10.80 7.42
C LEU A 199 12.37 10.02 8.17
N CYS A 200 12.71 9.50 9.35
CA CYS A 200 11.76 8.74 10.13
CA CYS A 200 11.68 8.83 10.12
C CYS A 200 11.85 9.15 11.60
N SER A 201 10.70 9.18 12.28
CA SER A 201 10.62 9.54 13.69
C SER A 201 10.44 8.27 14.52
N VAL A 202 11.23 8.15 15.58
CA VAL A 202 11.21 6.96 16.43
C VAL A 202 10.07 7.11 17.44
N SER A 203 8.92 6.51 17.13
CA SER A 203 7.78 6.49 18.04
C SER A 203 7.72 5.22 18.89
N ASP A 204 8.40 4.15 18.46
CA ASP A 204 8.44 2.89 19.18
C ASP A 204 9.83 2.31 19.09
N HIS A 205 10.28 1.64 20.15
CA HIS A 205 11.54 0.91 20.13
C HIS A 205 11.21 -0.57 20.18
N LEU A 206 11.50 -1.27 19.08
CA LEU A 206 11.10 -2.67 18.99
C LEU A 206 11.91 -3.58 19.91
N ILE A 207 13.09 -3.14 20.34
CA ILE A 207 13.92 -3.93 21.25
C ILE A 207 13.42 -3.73 22.69
N THR A 208 13.54 -2.50 23.19
CA THR A 208 13.24 -2.20 24.59
C THR A 208 11.74 -2.06 24.87
N LYS A 209 10.90 -2.15 23.84
CA LYS A 209 9.44 -2.13 23.93
C LYS A 209 8.89 -0.79 24.38
N GLU A 210 9.76 0.19 24.65
CA GLU A 210 9.33 1.56 24.94
C GLU A 210 8.44 2.09 23.82
N ALA A 211 7.58 3.05 24.17
CA ALA A 211 6.66 3.64 23.20
C ALA A 211 6.29 5.05 23.64
N LEU A 212 6.12 5.94 22.69
CA LEU A 212 5.78 7.33 22.99
C LEU A 212 4.31 7.45 23.37
N SER A 213 4.02 8.39 24.27
CA SER A 213 2.65 8.73 24.58
C SER A 213 2.00 9.36 23.34
N PRO A 214 0.68 9.20 23.17
CA PRO A 214 0.03 9.78 21.98
C PRO A 214 0.29 11.27 21.81
N LYS A 215 0.41 12.02 22.91
CA LYS A 215 0.72 13.44 22.79
C LYS A 215 2.17 13.63 22.36
N GLU A 216 3.10 12.85 22.93
CA GLU A 216 4.50 12.92 22.50
C GLU A 216 4.64 12.57 21.03
N ARG A 217 3.85 11.61 20.55
CA ARG A 217 3.89 11.22 19.15
C ARG A 217 3.54 12.39 18.24
N VAL A 218 2.56 13.21 18.64
CA VAL A 218 2.23 14.40 17.87
C VAL A 218 3.39 15.38 17.88
N GLU A 219 4.00 15.58 19.05
CA GLU A 219 5.07 16.56 19.16
C GLU A 219 6.29 16.18 18.32
N SER A 220 6.72 14.91 18.43
CA SER A 220 7.91 14.48 17.69
C SER A 220 7.67 14.52 16.18
N PHE A 221 6.46 14.10 15.75
CA PHE A 221 6.17 14.17 14.32
C PHE A 221 6.11 15.62 13.83
N ASP A 222 5.62 16.52 14.69
CA ASP A 222 5.62 17.95 14.34
C ASP A 222 7.03 18.47 14.10
N ASN A 223 7.98 18.03 14.93
CA ASN A 223 9.35 18.51 14.76
C ASN A 223 9.91 18.04 13.43
N MET A 224 9.56 16.81 13.05
CA MET A 224 9.98 16.27 11.75
C MET A 224 9.34 17.04 10.59
N ILE A 225 8.05 17.38 10.73
CA ILE A 225 7.38 18.18 9.70
C ILE A 225 8.08 19.52 9.51
N ILE A 226 8.43 20.17 10.61
CA ILE A 226 9.09 21.48 10.51
C ILE A 226 10.44 21.35 9.82
N LEU A 227 11.21 20.33 10.19
CA LEU A 227 12.48 20.07 9.53
C LEU A 227 12.29 19.89 8.03
N ALA A 228 11.28 19.10 7.64
CA ALA A 228 11.04 18.85 6.23
C ALA A 228 10.66 20.13 5.49
N LEU A 229 9.72 20.89 6.03
CA LEU A 229 9.25 22.09 5.34
C LEU A 229 10.36 23.14 5.27
N GLU A 230 11.18 23.23 6.32
CA GLU A 230 12.31 24.16 6.31
C GLU A 230 13.35 23.76 5.26
N MET A 231 13.63 22.47 5.09
CA MET A 231 14.64 22.13 4.10
C MET A 231 14.10 22.28 2.67
N MET A 232 12.79 22.32 2.46
CA MET A 232 12.23 22.53 1.13
CA MET A 232 12.25 22.54 1.12
C MET A 232 11.99 24.00 0.81
N SER A 233 12.16 24.89 1.78
CA SER A 233 11.98 26.33 1.54
C SER A 233 13.32 27.04 1.60
N MET B 1 -7.91 -2.88 19.80
N MET B 1 -8.07 -2.86 19.67
CA MET B 1 -7.72 -2.32 18.47
CA MET B 1 -7.71 -2.14 18.45
C MET B 1 -6.33 -2.68 17.92
C MET B 1 -6.30 -2.50 17.97
N THR B 2 -6.08 -2.29 16.68
CA THR B 2 -4.82 -2.57 16.00
C THR B 2 -4.23 -1.26 15.50
N PRO B 3 -2.98 -1.25 15.05
CA PRO B 3 -2.43 0.01 14.54
C PRO B 3 -3.10 0.49 13.27
N HIS B 4 -3.84 -0.37 12.55
CA HIS B 4 -4.40 0.02 11.26
C HIS B 4 -5.91 -0.08 11.19
N ILE B 5 -6.58 -0.51 12.26
CA ILE B 5 -8.04 -0.61 12.31
C ILE B 5 -8.47 -0.11 13.68
N ASN B 6 -9.45 0.80 13.71
CA ASN B 6 -9.94 1.33 14.99
C ASN B 6 -11.38 0.90 15.25
N ALA B 7 -11.78 -0.26 14.71
CA ALA B 7 -13.04 -0.87 15.07
C ALA B 7 -12.94 -1.54 16.44
N LYS B 8 -14.10 -1.75 17.07
CA LYS B 8 -14.17 -2.56 18.26
C LYS B 8 -14.23 -4.04 17.88
N ILE B 9 -13.60 -4.89 18.71
CA ILE B 9 -13.72 -6.32 18.48
C ILE B 9 -15.20 -6.68 18.48
N GLY B 10 -15.62 -7.45 17.49
CA GLY B 10 -17.03 -7.74 17.30
C GLY B 10 -17.74 -6.85 16.30
N ASP B 11 -17.12 -5.75 15.85
CA ASP B 11 -17.79 -4.90 14.88
C ASP B 11 -17.85 -5.54 13.50
N PHE B 12 -16.93 -6.45 13.20
CA PHE B 12 -16.89 -7.13 11.90
C PHE B 12 -17.71 -8.40 11.96
N TYR B 13 -18.57 -8.61 10.96
CA TYR B 13 -19.19 -9.91 10.78
C TYR B 13 -18.11 -10.92 10.36
N PRO B 14 -18.37 -12.23 10.53
CA PRO B 14 -17.36 -13.24 10.12
C PRO B 14 -17.10 -13.30 8.63
N GLN B 15 -17.98 -12.76 7.79
CA GLN B 15 -17.78 -12.73 6.34
C GLN B 15 -17.48 -11.30 5.93
N CYS B 16 -16.41 -11.10 5.16
CA CYS B 16 -15.97 -9.76 4.82
C CYS B 16 -15.59 -9.69 3.36
N LEU B 17 -16.12 -8.70 2.63
CA LEU B 17 -15.64 -8.36 1.29
C LEU B 17 -14.49 -7.39 1.40
N LEU B 18 -13.52 -7.51 0.49
CA LEU B 18 -12.33 -6.66 0.48
C LEU B 18 -12.15 -6.00 -0.87
N CYS B 19 -11.76 -4.73 -0.87
CA CYS B 19 -11.25 -4.06 -2.06
C CYS B 19 -9.98 -3.33 -1.67
N GLY B 20 -9.11 -3.11 -2.65
CA GLY B 20 -7.96 -2.27 -2.34
C GLY B 20 -8.37 -0.84 -2.12
N ASP B 21 -9.43 -0.41 -2.79
CA ASP B 21 -9.89 0.98 -2.78
C ASP B 21 -10.96 1.15 -1.69
N PRO B 22 -10.70 1.94 -0.64
CA PRO B 22 -11.73 2.17 0.37
C PRO B 22 -12.95 2.92 -0.15
N LEU B 23 -12.81 3.65 -1.25
CA LEU B 23 -13.97 4.31 -1.83
C LEU B 23 -14.85 3.34 -2.62
N ARG B 24 -14.29 2.23 -3.15
CA ARG B 24 -15.17 1.19 -3.68
C ARG B 24 -15.91 0.50 -2.53
N VAL B 25 -15.23 0.32 -1.40
CA VAL B 25 -15.89 -0.22 -0.22
C VAL B 25 -17.03 0.70 0.21
N SER B 26 -16.78 2.02 0.24
CA SER B 26 -17.80 2.99 0.62
C SER B 26 -18.98 2.97 -0.35
N TYR B 27 -18.67 2.94 -1.65
CA TYR B 27 -19.70 2.82 -2.68
C TYR B 27 -20.60 1.60 -2.44
N ILE B 28 -20.00 0.44 -2.14
CA ILE B 28 -20.80 -0.77 -1.92
C ILE B 28 -21.69 -0.60 -0.69
N ALA B 29 -21.14 -0.02 0.38
CA ALA B 29 -21.92 0.15 1.59
C ALA B 29 -23.15 1.01 1.32
N LYS B 30 -22.97 2.10 0.59
CA LYS B 30 -24.04 3.06 0.40
C LYS B 30 -25.07 2.53 -0.61
N LYS B 31 -24.60 1.81 -1.63
CA LYS B 31 -25.49 1.39 -2.70
C LYS B 31 -26.18 0.05 -2.47
N PHE B 32 -25.53 -0.90 -1.78
CA PHE B 32 -26.04 -2.26 -1.72
C PHE B 32 -26.41 -2.76 -0.32
N LEU B 33 -25.98 -2.10 0.75
CA LEU B 33 -26.21 -2.64 2.08
C LEU B 33 -27.30 -1.85 2.80
N GLN B 34 -28.02 -2.56 3.67
CA GLN B 34 -28.98 -1.94 4.58
C GLN B 34 -28.32 -1.63 5.92
N ASP B 35 -28.66 -0.47 6.47
CA ASP B 35 -28.18 -0.07 7.80
C ASP B 35 -26.66 -0.12 7.89
N ALA B 36 -25.98 0.36 6.85
CA ALA B 36 -24.52 0.27 6.84
C ALA B 36 -23.91 1.29 7.80
N LYS B 37 -22.93 0.84 8.58
CA LYS B 37 -22.22 1.68 9.54
C LYS B 37 -20.74 1.64 9.24
N GLU B 38 -20.10 2.81 9.18
CA GLU B 38 -18.65 2.87 9.08
C GLU B 38 -18.04 2.46 10.41
N ILE B 39 -17.17 1.43 10.40
CA ILE B 39 -16.64 0.90 11.65
C ILE B 39 -15.15 1.16 11.82
N THR B 40 -14.45 1.61 10.79
CA THR B 40 -13.02 1.90 10.92
C THR B 40 -12.62 2.89 9.84
N ASN B 41 -11.63 3.73 10.16
CA ASN B 41 -11.19 4.76 9.20
C ASN B 41 -9.75 5.19 9.41
N VAL B 42 -8.92 4.38 10.08
CA VAL B 42 -7.50 4.71 10.21
C VAL B 42 -6.86 4.84 8.84
N ARG B 43 -6.05 5.88 8.66
CA ARG B 43 -5.35 6.12 7.40
C ARG B 43 -6.33 6.26 6.23
N ASN B 44 -7.58 6.65 6.52
CA ASN B 44 -8.62 6.80 5.51
C ASN B 44 -8.99 5.47 4.88
N MET B 45 -8.60 4.35 5.49
CA MET B 45 -8.89 3.03 4.94
C MET B 45 -10.18 2.56 5.60
N LEU B 46 -11.29 2.79 4.91
CA LEU B 46 -12.62 2.62 5.49
C LEU B 46 -13.04 1.16 5.54
N GLY B 47 -13.82 0.83 6.55
CA GLY B 47 -14.53 -0.44 6.61
C GLY B 47 -15.91 -0.24 7.17
N PHE B 48 -16.82 -1.15 6.81
CA PHE B 48 -18.23 -1.03 7.12
C PHE B 48 -18.80 -2.37 7.56
N SER B 49 -19.93 -2.31 8.26
CA SER B 49 -20.74 -3.48 8.52
C SER B 49 -22.19 -3.13 8.23
N GLY B 50 -22.90 -4.06 7.61
CA GLY B 50 -24.27 -3.82 7.23
C GLY B 50 -24.93 -5.12 6.85
N LYS B 51 -26.12 -5.02 6.25
CA LYS B 51 -26.89 -6.20 5.90
C LYS B 51 -27.19 -6.24 4.41
N TYR B 52 -27.18 -7.46 3.86
CA TYR B 52 -27.61 -7.75 2.50
C TYR B 52 -28.66 -8.84 2.56
N LYS B 53 -29.89 -8.51 2.17
CA LYS B 53 -31.01 -9.44 2.26
C LYS B 53 -31.09 -10.06 3.65
N GLY B 54 -30.96 -9.20 4.66
CA GLY B 54 -31.04 -9.62 6.04
C GLY B 54 -29.81 -10.28 6.62
N ARG B 55 -28.77 -10.54 5.82
CA ARG B 55 -27.57 -11.23 6.27
C ARG B 55 -26.47 -10.21 6.57
N GLY B 56 -25.80 -10.36 7.71
CA GLY B 56 -24.74 -9.42 8.06
C GLY B 56 -23.50 -9.65 7.20
N ILE B 57 -22.96 -8.58 6.64
CA ILE B 57 -21.75 -8.64 5.83
C ILE B 57 -20.88 -7.42 6.15
N SER B 58 -19.58 -7.63 6.24
CA SER B 58 -18.65 -6.53 6.43
C SER B 58 -17.86 -6.27 5.14
N LEU B 59 -17.30 -5.07 5.05
CA LEU B 59 -16.50 -4.60 3.92
C LEU B 59 -15.24 -3.94 4.47
N MET B 60 -14.09 -4.16 3.82
CA MET B 60 -12.90 -3.51 4.37
C MET B 60 -11.93 -3.23 3.21
N GLY B 61 -11.33 -2.03 3.22
CA GLY B 61 -10.29 -1.72 2.23
C GLY B 61 -8.94 -2.27 2.65
N HIS B 62 -8.12 -2.69 1.68
CA HIS B 62 -6.82 -3.26 2.00
C HIS B 62 -5.63 -2.57 1.34
N GLY B 63 -5.83 -1.45 0.66
CA GLY B 63 -4.72 -0.73 0.03
C GLY B 63 -4.10 -1.57 -1.09
N MET B 64 -2.96 -1.07 -1.60
CA MET B 64 -2.37 -1.54 -2.84
C MET B 64 -1.10 -2.32 -2.51
N GLY B 65 -0.97 -3.52 -3.06
CA GLY B 65 0.26 -4.28 -2.92
C GLY B 65 0.17 -5.33 -1.81
N ILE B 66 1.02 -6.37 -1.94
CA ILE B 66 0.98 -7.50 -1.03
C ILE B 66 1.25 -7.07 0.41
N ALA B 67 2.22 -6.16 0.61
CA ALA B 67 2.55 -5.78 1.99
C ALA B 67 1.36 -5.08 2.67
N SER B 68 0.69 -4.18 1.94
CA SER B 68 -0.50 -3.53 2.50
C SER B 68 -1.61 -4.55 2.76
N CYS B 69 -1.91 -5.38 1.76
CA CYS B 69 -2.97 -6.36 1.94
C CYS B 69 -2.70 -7.26 3.14
N THR B 70 -1.46 -7.74 3.28
CA THR B 70 -1.12 -8.66 4.35
C THR B 70 -1.39 -8.03 5.71
N ILE B 71 -1.10 -6.74 5.86
CA ILE B 71 -1.35 -6.03 7.12
C ILE B 71 -2.82 -6.12 7.50
N TYR B 72 -3.71 -5.71 6.58
CA TYR B 72 -5.13 -5.66 6.92
C TYR B 72 -5.72 -7.04 7.11
N VAL B 73 -5.33 -7.99 6.26
CA VAL B 73 -5.87 -9.34 6.36
C VAL B 73 -5.42 -10.00 7.67
N THR B 74 -4.16 -9.80 8.04
CA THR B 74 -3.64 -10.38 9.28
C THR B 74 -4.47 -9.89 10.46
N GLU B 75 -4.74 -8.58 10.51
CA GLU B 75 -5.49 -8.01 11.63
C GLU B 75 -6.95 -8.45 11.61
N LEU B 76 -7.57 -8.50 10.41
CA LEU B 76 -8.96 -8.93 10.33
C LEU B 76 -9.14 -10.33 10.90
N ILE B 77 -8.19 -11.23 10.61
CA ILE B 77 -8.30 -12.61 11.06
C ILE B 77 -7.98 -12.72 12.54
N LYS B 78 -6.81 -12.23 12.95
CA LYS B 78 -6.30 -12.52 14.29
C LYS B 78 -7.03 -11.72 15.35
N THR B 79 -7.37 -10.46 15.07
CA THR B 79 -8.01 -9.63 16.08
C THR B 79 -9.52 -9.59 15.92
N TYR B 80 -10.00 -9.41 14.70
CA TYR B 80 -11.43 -9.22 14.47
C TYR B 80 -12.18 -10.50 14.12
N GLN B 81 -11.50 -11.66 14.14
CA GLN B 81 -12.12 -12.98 14.06
C GLN B 81 -12.86 -13.20 12.73
N VAL B 82 -12.41 -12.53 11.67
CA VAL B 82 -13.03 -12.74 10.37
C VAL B 82 -12.66 -14.13 9.87
N LYS B 83 -13.64 -14.83 9.31
CA LYS B 83 -13.46 -16.21 8.90
C LYS B 83 -13.40 -16.42 7.39
N GLU B 84 -14.11 -15.58 6.64
CA GLU B 84 -14.21 -15.71 5.19
C GLU B 84 -13.91 -14.35 4.58
N LEU B 85 -12.94 -14.30 3.66
CA LEU B 85 -12.46 -13.04 3.09
C LEU B 85 -12.55 -13.14 1.58
N LEU B 86 -13.35 -12.28 0.98
CA LEU B 86 -13.58 -12.34 -0.47
C LEU B 86 -13.10 -11.02 -1.06
N ARG B 87 -11.94 -11.05 -1.72
CA ARG B 87 -11.44 -9.87 -2.41
C ARG B 87 -12.18 -9.71 -3.74
N ILE B 88 -12.66 -8.50 -4.01
CA ILE B 88 -13.32 -8.16 -5.27
C ILE B 88 -12.57 -6.93 -5.80
N GLY B 89 -11.51 -7.18 -6.56
CA GLY B 89 -10.57 -6.14 -6.94
C GLY B 89 -10.62 -5.83 -8.44
N THR B 90 -9.58 -5.14 -8.91
CA THR B 90 -9.39 -4.88 -10.33
C THR B 90 -8.08 -5.53 -10.77
N CYS B 91 -7.90 -5.64 -12.08
CA CYS B 91 -6.73 -6.33 -12.61
C CYS B 91 -6.51 -5.91 -14.06
N GLY B 92 -5.28 -6.15 -14.55
CA GLY B 92 -4.94 -5.90 -15.93
C GLY B 92 -4.90 -7.19 -16.73
N ALA B 93 -5.73 -7.27 -17.75
CA ALA B 93 -5.77 -8.49 -18.55
C ALA B 93 -4.50 -8.64 -19.39
N ILE B 94 -3.97 -9.87 -19.44
CA ILE B 94 -2.82 -10.20 -20.26
C ILE B 94 -3.09 -11.35 -21.22
N SER B 95 -4.29 -11.92 -21.20
CA SER B 95 -4.64 -13.08 -21.99
C SER B 95 -5.73 -12.73 -22.98
N PRO B 96 -5.65 -13.22 -24.22
CA PRO B 96 -6.74 -12.97 -25.18
C PRO B 96 -8.03 -13.71 -24.85
N LYS B 97 -8.02 -14.60 -23.85
CA LYS B 97 -9.26 -15.25 -23.39
C LYS B 97 -10.20 -14.31 -22.63
N VAL B 98 -9.76 -13.11 -22.24
CA VAL B 98 -10.61 -12.26 -21.43
C VAL B 98 -10.66 -10.86 -22.03
N GLY B 99 -11.75 -10.14 -21.69
CA GLY B 99 -11.94 -8.79 -22.16
C GLY B 99 -12.18 -7.81 -21.03
N LEU B 100 -12.23 -6.53 -21.39
CA LEU B 100 -12.47 -5.47 -20.41
C LEU B 100 -13.78 -5.75 -19.68
N LYS B 101 -13.75 -5.58 -18.36
CA LYS B 101 -14.87 -5.75 -17.44
C LYS B 101 -15.23 -7.23 -17.19
N ASP B 102 -14.53 -8.19 -17.79
CA ASP B 102 -14.74 -9.59 -17.42
C ASP B 102 -14.38 -9.77 -15.95
N ILE B 103 -15.05 -10.72 -15.31
CA ILE B 103 -14.78 -11.11 -13.93
C ILE B 103 -13.96 -12.39 -13.91
N ILE B 104 -12.82 -12.36 -13.24
CA ILE B 104 -11.90 -13.49 -13.15
C ILE B 104 -11.91 -14.02 -11.74
N MET B 105 -11.94 -15.36 -11.59
CA MET B 105 -11.72 -15.95 -10.28
C MET B 105 -10.33 -16.61 -10.27
N ALA B 106 -9.50 -16.20 -9.31
CA ALA B 106 -8.08 -16.58 -9.27
C ALA B 106 -7.93 -17.93 -8.57
N THR B 107 -7.77 -19.01 -9.37
CA THR B 107 -7.55 -20.33 -8.79
C THR B 107 -6.16 -20.48 -8.19
N GLY B 108 -5.25 -19.59 -8.54
CA GLY B 108 -3.92 -19.54 -7.95
C GLY B 108 -3.39 -18.15 -8.20
N ALA B 109 -2.45 -17.73 -7.37
CA ALA B 109 -1.83 -16.42 -7.53
C ALA B 109 -0.32 -16.59 -7.51
N SER B 110 0.28 -16.55 -8.70
CA SER B 110 1.73 -16.53 -8.85
C SER B 110 2.23 -15.16 -8.41
N THR B 111 3.55 -15.02 -8.21
CA THR B 111 4.02 -13.70 -7.75
C THR B 111 5.51 -13.51 -8.06
N ASP B 112 5.90 -12.23 -8.18
CA ASP B 112 7.32 -11.85 -8.17
C ASP B 112 7.77 -11.31 -6.81
N SER B 113 6.91 -11.39 -5.80
CA SER B 113 7.27 -10.99 -4.44
C SER B 113 8.21 -12.02 -3.83
N LYS B 114 9.03 -11.58 -2.85
CA LYS B 114 9.80 -12.52 -2.04
C LYS B 114 9.04 -12.97 -0.78
N THR B 115 7.82 -12.47 -0.56
CA THR B 115 7.16 -12.69 0.73
C THR B 115 6.91 -14.17 0.97
N ASN B 116 6.56 -14.93 -0.07
CA ASN B 116 6.23 -16.33 0.18
C ASN B 116 7.47 -17.17 0.32
N ARG B 117 8.58 -16.79 -0.33
CA ARG B 117 9.84 -17.48 -0.06
C ARG B 117 10.28 -17.22 1.37
N VAL B 118 10.07 -16.00 1.87
CA VAL B 118 10.40 -15.71 3.26
C VAL B 118 9.51 -16.51 4.20
N ARG B 119 8.23 -16.64 3.85
CA ARG B 119 7.30 -17.41 4.68
C ARG B 119 7.62 -18.91 4.69
N PHE B 120 8.11 -19.44 3.57
CA PHE B 120 7.95 -20.86 3.25
C PHE B 120 9.29 -21.48 2.85
N LEU B 121 10.28 -21.37 3.72
CA LEU B 121 11.51 -22.18 3.64
C LEU B 121 12.33 -21.89 2.40
N ASN B 122 12.15 -20.72 1.77
CA ASN B 122 12.77 -20.38 0.50
C ASN B 122 12.36 -21.33 -0.62
N HIS B 123 11.26 -22.07 -0.45
CA HIS B 123 10.74 -22.93 -1.50
C HIS B 123 9.61 -22.20 -2.24
N ASP B 124 8.91 -22.91 -3.13
CA ASP B 124 7.79 -22.36 -3.90
C ASP B 124 6.50 -22.69 -3.17
N LEU B 125 5.88 -21.70 -2.54
CA LEU B 125 4.52 -21.84 -2.02
C LEU B 125 3.54 -21.59 -3.14
N SER B 126 2.69 -22.55 -3.45
CA SER B 126 1.65 -22.31 -4.45
C SER B 126 0.44 -21.70 -3.73
N ALA B 127 0.30 -20.38 -3.84
CA ALA B 127 -0.74 -19.64 -3.14
C ALA B 127 -2.10 -19.88 -3.79
N THR B 128 -3.05 -20.39 -3.02
CA THR B 128 -4.32 -20.86 -3.57
C THR B 128 -5.47 -20.42 -2.67
N PRO B 129 -6.66 -20.26 -3.23
CA PRO B 129 -7.84 -19.92 -2.43
C PRO B 129 -8.44 -21.15 -1.76
N ASP B 130 -9.37 -20.88 -0.85
CA ASP B 130 -10.20 -21.93 -0.26
C ASP B 130 -11.10 -22.55 -1.34
N PHE B 131 -11.13 -23.89 -1.40
CA PHE B 131 -11.87 -24.52 -2.48
C PHE B 131 -13.39 -24.35 -2.31
N GLU B 132 -13.89 -24.44 -1.08
CA GLU B 132 -15.33 -24.26 -0.88
C GLU B 132 -15.78 -22.88 -1.34
N LEU B 133 -14.99 -21.83 -1.05
CA LEU B 133 -15.36 -20.51 -1.53
C LEU B 133 -15.33 -20.45 -3.05
N SER B 134 -14.34 -21.11 -3.67
CA SER B 134 -14.27 -21.13 -5.13
C SER B 134 -15.48 -21.81 -5.73
N LEU B 135 -15.90 -22.93 -5.14
CA LEU B 135 -17.09 -23.63 -5.60
C LEU B 135 -18.33 -22.75 -5.44
N ARG B 136 -18.44 -22.07 -4.30
CA ARG B 136 -19.54 -21.15 -4.07
C ARG B 136 -19.59 -20.05 -5.12
N ALA B 137 -18.42 -19.50 -5.45
CA ALA B 137 -18.37 -18.46 -6.48
C ALA B 137 -18.83 -19.01 -7.82
N TYR B 138 -18.33 -20.19 -8.19
CA TYR B 138 -18.70 -20.80 -9.45
C TYR B 138 -20.20 -21.05 -9.52
N GLN B 139 -20.77 -21.64 -8.45
CA GLN B 139 -22.20 -21.99 -8.45
C GLN B 139 -23.08 -20.75 -8.43
N THR B 140 -22.68 -19.73 -7.66
CA THR B 140 -23.46 -18.49 -7.65
C THR B 140 -23.42 -17.82 -9.02
N ALA B 141 -22.24 -17.78 -9.66
CA ALA B 141 -22.15 -17.19 -11.00
C ALA B 141 -23.06 -17.91 -11.98
N LYS B 142 -23.08 -19.25 -11.92
CA LYS B 142 -23.97 -20.01 -12.79
C LYS B 142 -25.42 -19.64 -12.51
N ARG B 143 -25.79 -19.57 -11.23
CA ARG B 143 -27.17 -19.23 -10.85
C ARG B 143 -27.57 -17.86 -11.39
N LEU B 144 -26.66 -16.89 -11.34
CA LEU B 144 -26.94 -15.53 -11.78
C LEU B 144 -26.73 -15.33 -13.28
N GLY B 145 -26.21 -16.31 -14.01
CA GLY B 145 -25.95 -16.11 -15.42
C GLY B 145 -24.76 -15.22 -15.71
N ILE B 146 -23.77 -15.20 -14.82
CA ILE B 146 -22.56 -14.41 -15.00
C ILE B 146 -21.48 -15.31 -15.57
N ASP B 147 -20.76 -14.83 -16.60
CA ASP B 147 -19.72 -15.64 -17.25
C ASP B 147 -18.42 -15.44 -16.50
N LEU B 148 -18.17 -16.33 -15.55
CA LEU B 148 -17.00 -16.18 -14.69
C LEU B 148 -15.79 -16.80 -15.37
N LYS B 149 -14.73 -16.01 -15.53
CA LYS B 149 -13.51 -16.50 -16.15
C LYS B 149 -12.66 -17.09 -15.02
N VAL B 150 -12.04 -18.23 -15.27
CA VAL B 150 -11.38 -18.97 -14.20
C VAL B 150 -9.95 -19.28 -14.62
N GLY B 151 -8.98 -18.86 -13.81
CA GLY B 151 -7.59 -19.22 -14.07
C GLY B 151 -6.69 -18.61 -13.01
N ASN B 152 -5.39 -18.65 -13.27
CA ASN B 152 -4.47 -18.01 -12.34
C ASN B 152 -4.43 -16.51 -12.59
N VAL B 153 -4.01 -15.75 -11.56
CA VAL B 153 -3.54 -14.39 -11.76
C VAL B 153 -2.09 -14.33 -11.31
N PHE B 154 -1.39 -13.28 -11.76
CA PHE B 154 -0.03 -13.03 -11.33
C PHE B 154 -0.09 -11.79 -10.44
N SER B 155 0.34 -11.93 -9.17
CA SER B 155 0.38 -10.81 -8.24
C SER B 155 1.77 -10.20 -8.25
N SER B 156 1.87 -8.96 -8.69
CA SER B 156 3.16 -8.30 -8.84
C SER B 156 3.36 -7.21 -7.78
N ASP B 157 4.62 -6.97 -7.46
CA ASP B 157 5.02 -5.77 -6.72
C ASP B 157 5.05 -4.53 -7.60
N PHE B 158 4.82 -4.69 -8.90
CA PHE B 158 4.91 -3.57 -9.85
C PHE B 158 3.60 -3.40 -10.61
N PHE B 159 3.10 -2.16 -10.66
CA PHE B 159 2.04 -1.80 -11.58
C PHE B 159 2.61 -1.43 -12.95
N TYR B 160 3.67 -0.61 -12.94
CA TYR B 160 4.38 -0.19 -14.15
C TYR B 160 5.54 -1.17 -14.32
N SER B 161 5.40 -2.10 -15.27
CA SER B 161 6.22 -3.30 -15.26
C SER B 161 7.51 -3.12 -16.05
N PHE B 162 8.57 -3.76 -15.56
CA PHE B 162 9.86 -3.87 -16.24
C PHE B 162 10.00 -5.16 -17.01
N GLU B 163 8.98 -6.01 -17.00
CA GLU B 163 9.02 -7.31 -17.66
C GLU B 163 7.82 -7.45 -18.61
N THR B 164 7.57 -6.40 -19.39
CA THR B 164 6.47 -6.43 -20.36
C THR B 164 6.65 -7.54 -21.39
N HIS B 165 7.91 -7.91 -21.66
CA HIS B 165 8.21 -9.05 -22.51
C HIS B 165 7.57 -10.35 -22.00
N ALA B 166 7.37 -10.45 -20.69
CA ALA B 166 7.05 -11.66 -19.94
C ALA B 166 5.56 -11.92 -19.80
N PHE B 167 4.72 -10.96 -20.18
CA PHE B 167 3.28 -11.13 -20.02
C PHE B 167 2.77 -12.26 -20.91
N ASP B 168 3.33 -12.39 -22.12
CA ASP B 168 2.90 -13.46 -23.00
C ASP B 168 3.20 -14.83 -22.42
N LEU B 169 4.36 -14.97 -21.78
CA LEU B 169 4.67 -16.25 -21.11
C LEU B 169 3.70 -16.51 -19.96
N MET B 170 3.42 -15.47 -19.17
CA MET B 170 2.43 -15.57 -18.10
C MET B 170 1.10 -16.08 -18.64
N ALA B 171 0.63 -15.47 -19.73
CA ALA B 171 -0.64 -15.86 -20.33
C ALA B 171 -0.60 -17.29 -20.85
N LYS B 172 0.53 -17.70 -21.41
CA LYS B 172 0.68 -19.08 -21.89
C LYS B 172 0.42 -20.07 -20.76
N TYR B 173 0.93 -19.77 -19.57
CA TYR B 173 0.73 -20.59 -18.38
C TYR B 173 -0.60 -20.30 -17.67
N ASN B 174 -1.58 -19.77 -18.41
CA ASN B 174 -2.95 -19.61 -17.92
C ASN B 174 -3.04 -18.57 -16.81
N HIS B 175 -2.22 -17.52 -16.88
CA HIS B 175 -2.45 -16.35 -16.05
C HIS B 175 -3.30 -15.37 -16.85
N LEU B 176 -4.53 -15.15 -16.41
CA LEU B 176 -5.45 -14.35 -17.21
C LEU B 176 -5.19 -12.86 -17.05
N ALA B 177 -4.65 -12.46 -15.90
CA ALA B 177 -4.52 -11.05 -15.61
C ALA B 177 -3.46 -10.87 -14.53
N ILE B 178 -3.02 -9.64 -14.40
CA ILE B 178 -2.06 -9.23 -13.38
CA ILE B 178 -2.06 -9.23 -13.38
C ILE B 178 -2.76 -8.29 -12.40
N GLU B 179 -2.50 -8.48 -11.11
CA GLU B 179 -2.93 -7.55 -10.06
C GLU B 179 -1.85 -7.59 -8.98
N MET B 180 -2.14 -7.08 -7.77
CA MET B 180 -1.04 -6.89 -6.83
C MET B 180 -1.29 -7.34 -5.39
N GLU B 181 -2.37 -8.09 -5.11
CA GLU B 181 -2.63 -8.51 -3.73
C GLU B 181 -2.99 -9.97 -3.55
N ALA B 182 -3.48 -10.67 -4.58
CA ALA B 182 -4.07 -11.99 -4.35
C ALA B 182 -3.09 -12.97 -3.68
N ALA B 183 -1.82 -12.99 -4.12
CA ALA B 183 -0.88 -13.94 -3.53
C ALA B 183 -0.68 -13.67 -2.04
N GLY B 184 -0.74 -12.40 -1.64
CA GLY B 184 -0.61 -12.06 -0.22
C GLY B 184 -1.86 -12.42 0.56
N LEU B 185 -3.05 -12.11 0.01
CA LEU B 185 -4.29 -12.57 0.62
C LEU B 185 -4.27 -14.09 0.82
N TYR B 186 -3.91 -14.83 -0.22
CA TYR B 186 -3.94 -16.28 -0.18
C TYR B 186 -2.92 -16.82 0.81
N ALA B 187 -1.69 -16.28 0.80
CA ALA B 187 -0.68 -16.81 1.71
C ALA B 187 -1.01 -16.50 3.16
N THR B 188 -1.54 -15.30 3.43
CA THR B 188 -1.91 -14.93 4.79
C THR B 188 -3.06 -15.80 5.31
N ALA B 189 -4.07 -16.03 4.47
CA ALA B 189 -5.18 -16.88 4.89
C ALA B 189 -4.74 -18.33 5.07
N MET B 190 -3.76 -18.79 4.27
CA MET B 190 -3.19 -20.12 4.51
C MET B 190 -2.47 -20.17 5.86
N GLU B 191 -1.62 -19.17 6.12
CA GLU B 191 -0.89 -19.11 7.39
C GLU B 191 -1.85 -19.21 8.57
N LEU B 192 -2.97 -18.51 8.49
CA LEU B 192 -3.84 -18.27 9.64
C LEU B 192 -5.10 -19.14 9.62
N ASN B 193 -5.18 -20.09 8.69
CA ASN B 193 -6.29 -21.05 8.65
C ASN B 193 -7.64 -20.37 8.45
N ALA B 194 -7.69 -19.39 7.55
CA ALA B 194 -8.93 -18.73 7.19
C ALA B 194 -9.27 -19.01 5.73
N LYS B 195 -10.53 -18.77 5.34
CA LYS B 195 -10.99 -19.06 3.99
C LYS B 195 -10.92 -17.79 3.17
N ALA B 196 -10.20 -17.81 2.04
CA ALA B 196 -10.08 -16.62 1.21
C ALA B 196 -10.27 -16.96 -0.27
N LEU B 197 -10.75 -15.97 -1.01
CA LEU B 197 -10.90 -16.07 -2.46
C LEU B 197 -10.71 -14.68 -3.04
N CYS B 198 -10.17 -14.61 -4.26
CA CYS B 198 -10.00 -13.35 -4.98
C CYS B 198 -10.75 -13.41 -6.30
N LEU B 199 -11.69 -12.49 -6.48
CA LEU B 199 -12.29 -12.17 -7.77
C LEU B 199 -11.74 -10.81 -8.18
N CYS B 200 -11.52 -10.59 -9.48
CA CYS B 200 -11.16 -9.26 -9.94
CA CYS B 200 -11.12 -9.28 -9.97
C CYS B 200 -11.80 -9.00 -11.29
N SER B 201 -12.16 -7.74 -11.51
CA SER B 201 -12.70 -7.30 -12.79
C SER B 201 -11.62 -6.63 -13.62
N VAL B 202 -11.65 -6.85 -14.93
CA VAL B 202 -10.61 -6.32 -15.82
C VAL B 202 -10.84 -4.82 -16.03
N SER B 203 -9.90 -3.99 -15.54
CA SER B 203 -9.95 -2.54 -15.66
C SER B 203 -8.95 -1.99 -16.65
N ASP B 204 -8.00 -2.81 -17.10
CA ASP B 204 -6.97 -2.43 -18.07
C ASP B 204 -6.70 -3.65 -18.92
N HIS B 205 -6.30 -3.46 -20.18
CA HIS B 205 -6.11 -4.58 -21.08
C HIS B 205 -4.81 -4.41 -21.87
N LEU B 206 -3.86 -5.34 -21.65
CA LEU B 206 -2.59 -5.35 -22.36
C LEU B 206 -2.76 -5.34 -23.86
N ILE B 207 -3.72 -6.10 -24.38
CA ILE B 207 -3.77 -6.30 -25.82
C ILE B 207 -4.57 -5.21 -26.52
N THR B 208 -5.74 -4.85 -25.98
CA THR B 208 -6.55 -3.81 -26.61
C THR B 208 -6.12 -2.40 -26.21
N LYS B 209 -5.29 -2.27 -25.18
CA LYS B 209 -4.87 -0.99 -24.60
C LYS B 209 -6.02 -0.21 -23.96
N GLU B 210 -7.12 -0.86 -23.63
CA GLU B 210 -8.21 -0.20 -22.91
C GLU B 210 -7.84 0.01 -21.44
N ALA B 211 -8.33 1.12 -20.88
CA ALA B 211 -8.08 1.43 -19.48
C ALA B 211 -9.21 2.32 -18.96
N LEU B 212 -9.77 1.95 -17.81
CA LEU B 212 -10.89 2.68 -17.21
C LEU B 212 -10.40 3.87 -16.38
N SER B 213 -11.30 4.85 -16.23
CA SER B 213 -11.03 6.00 -15.37
C SER B 213 -11.09 5.61 -13.90
N PRO B 214 -10.53 6.44 -13.02
CA PRO B 214 -10.71 6.18 -11.58
C PRO B 214 -12.17 6.07 -11.16
N LYS B 215 -13.05 6.94 -11.67
CA LYS B 215 -14.46 6.80 -11.34
C LYS B 215 -15.01 5.47 -11.81
N GLU B 216 -14.65 5.05 -13.03
CA GLU B 216 -15.17 3.79 -13.54
C GLU B 216 -14.67 2.59 -12.74
N ARG B 217 -13.49 2.69 -12.14
CA ARG B 217 -12.98 1.57 -11.34
C ARG B 217 -13.78 1.39 -10.06
N VAL B 218 -14.52 2.41 -9.64
CA VAL B 218 -15.43 2.31 -8.49
C VAL B 218 -16.80 1.82 -8.91
N GLU B 219 -17.32 2.34 -10.01
CA GLU B 219 -18.73 2.28 -10.33
C GLU B 219 -19.10 1.26 -11.42
N SER B 220 -18.13 0.74 -12.18
CA SER B 220 -18.41 -0.05 -13.38
C SER B 220 -18.61 -1.53 -13.11
N PHE B 221 -18.48 -1.99 -11.88
CA PHE B 221 -18.33 -3.42 -11.58
C PHE B 221 -19.44 -3.93 -10.68
N ASP B 222 -20.68 -3.43 -10.86
CA ASP B 222 -21.75 -3.87 -9.98
C ASP B 222 -22.00 -5.37 -10.11
N ASN B 223 -21.68 -5.94 -11.28
CA ASN B 223 -21.92 -7.36 -11.47
C ASN B 223 -21.02 -8.19 -10.55
N MET B 224 -19.73 -7.85 -10.48
CA MET B 224 -18.84 -8.38 -9.45
C MET B 224 -19.38 -8.26 -8.04
N ILE B 225 -19.80 -7.05 -7.69
CA ILE B 225 -20.26 -6.77 -6.34
C ILE B 225 -21.49 -7.62 -6.00
N ILE B 226 -22.44 -7.69 -6.93
CA ILE B 226 -23.64 -8.49 -6.70
C ILE B 226 -23.30 -9.98 -6.60
N LEU B 227 -22.39 -10.46 -7.46
CA LEU B 227 -21.91 -11.83 -7.33
C LEU B 227 -21.38 -12.10 -5.93
N ALA B 228 -20.54 -11.19 -5.43
CA ALA B 228 -19.94 -11.37 -4.12
C ALA B 228 -20.99 -11.37 -3.01
N LEU B 229 -21.93 -10.43 -3.07
CA LEU B 229 -22.93 -10.37 -2.00
C LEU B 229 -23.84 -11.59 -2.04
N GLU B 230 -24.18 -12.06 -3.25
CA GLU B 230 -25.02 -13.25 -3.37
C GLU B 230 -24.28 -14.49 -2.88
N MET B 231 -22.96 -14.56 -3.09
CA MET B 231 -22.19 -15.69 -2.58
C MET B 231 -22.21 -15.77 -1.06
N MET B 232 -22.23 -14.63 -0.38
CA MET B 232 -22.14 -14.54 1.08
C MET B 232 -23.49 -14.46 1.78
N SER B 233 -24.58 -14.69 1.05
CA SER B 233 -25.92 -14.62 1.63
C SER B 233 -26.36 -16.02 2.06
C1 GOL C . 3.35 7.19 -14.73
O1 GOL C . 2.07 7.76 -14.73
C2 GOL C . 3.41 6.25 -15.95
O2 GOL C . 3.55 6.96 -17.13
C3 GOL C . 4.63 5.34 -15.67
O3 GOL C . 5.15 4.95 -16.92
C1 GOL D . 19.34 11.20 -9.32
O1 GOL D . 18.43 10.14 -9.22
C2 GOL D . 20.37 10.97 -8.19
O2 GOL D . 20.63 12.16 -7.50
C3 GOL D . 19.74 9.83 -7.30
O3 GOL D . 20.20 9.94 -5.99
C1 GOL E . 24.79 14.45 -6.79
O1 GOL E . 24.81 15.84 -6.56
C2 GOL E . 24.32 13.80 -5.46
O2 GOL E . 23.34 14.62 -4.82
C3 GOL E . 23.79 12.35 -5.90
O3 GOL E . 23.50 11.57 -4.76
C1 GOL F . -9.24 16.96 -5.74
O1 GOL F . -9.37 16.57 -4.41
C2 GOL F . -10.48 16.45 -6.48
O2 GOL F . -11.60 17.25 -6.23
C3 GOL F . -10.12 16.45 -7.98
O3 GOL F . -8.72 16.44 -8.05
C1 GOL G . 4.37 30.15 6.78
O1 GOL G . 3.99 30.25 5.44
C2 GOL G . 4.01 28.71 7.20
O2 GOL G . 2.72 28.40 6.82
C3 GOL G . 4.18 28.67 8.75
O3 GOL G . 3.66 27.42 9.15
C1 GOL H . 7.27 -0.77 10.06
C1 GOL H . 7.40 -3.09 12.23
O1 GOL H . 7.39 -2.16 10.32
O1 GOL H . 8.17 -4.23 11.89
C2 GOL H . 6.60 -0.12 11.29
C2 GOL H . 8.09 -1.84 11.63
O2 GOL H . 6.80 -0.84 12.45
O2 GOL H . 7.47 -1.35 10.49
C3 GOL H . 7.25 1.28 11.36
C3 GOL H . 8.12 -0.78 12.75
O3 GOL H . 6.46 2.08 12.19
O3 GOL H . 8.14 0.47 12.10
C1 GOL I . -2.02 11.89 12.72
O1 GOL I . -2.80 11.23 11.77
C2 GOL I . -2.29 13.41 12.57
O2 GOL I . -3.65 13.67 12.46
C3 GOL I . -1.67 14.05 13.84
O3 GOL I . -0.27 13.97 13.71
C1 GOL J . 6.52 2.14 8.02
O1 GOL J . 6.79 2.84 6.83
C2 GOL J . 4.99 2.00 8.27
O2 GOL J . 4.40 3.18 8.71
C3 GOL J . 4.38 1.47 6.98
O3 GOL J . 4.11 2.57 6.23
MG MG K . 3.79 6.85 9.06
C1 GOL L . 8.49 0.37 -15.87
O1 GOL L . 9.09 -0.30 -16.94
C2 GOL L . 8.86 1.86 -16.02
O2 GOL L . 8.07 2.50 -16.97
C3 GOL L . 8.65 2.46 -14.61
O3 GOL L . 9.18 3.74 -14.65
C6 05Q M . -2.77 -3.28 -13.89
C11 05Q M . -2.13 -3.93 -17.67
C15 05Q M . -0.11 -4.29 -16.46
C14 05Q M . 0.18 -5.36 -17.29
C2 05Q M . -1.63 -4.30 -12.21
C4 05Q M . -3.78 -3.87 -11.83
C5 05Q M . -3.91 -3.31 -13.08
C8 05Q M . -5.81 -3.17 -12.14
C9 05Q M . -1.60 -2.40 -15.75
C10 05Q M . -1.27 -3.57 -16.64
C13 05Q M . -0.68 -5.71 -18.30
C12 05Q M . -1.84 -5.00 -18.49
N1 05Q M . -1.63 -3.77 -13.43
N3 05Q M . -2.63 -4.40 -11.37
N9 05Q M . -5.00 -3.79 -11.24
N7 05Q M . -5.21 -2.85 -13.26
O1 05Q M . -2.85 -2.69 -15.10
CL1 05Q M . -0.11 -4.95 -11.65
C TRS N . -4.32 -2.62 -8.08
C1 TRS N . -3.75 -1.61 -9.10
C2 TRS N . -3.54 -3.93 -7.97
C3 TRS N . -4.32 -1.93 -6.74
N TRS N . -5.69 -3.00 -8.50
O1 TRS N . -4.60 -0.47 -9.30
O2 TRS N . -4.35 -5.05 -7.58
O3 TRS N . -4.64 -2.83 -5.71
P PO4 O . -8.24 -3.05 -6.27
O1 PO4 O . -9.38 -3.44 -5.38
O2 PO4 O . -8.69 -2.10 -7.37
O3 PO4 O . -7.60 -4.29 -6.82
O4 PO4 O . -7.19 -2.29 -5.46
C1 GOL P . 4.21 -12.70 12.31
O1 GOL P . 5.23 -13.36 12.99
C2 GOL P . 2.93 -13.52 12.61
O2 GOL P . 2.63 -13.49 13.97
C3 GOL P . 1.80 -12.92 11.69
O3 GOL P . 0.65 -13.74 11.89
C1 GOL Q . -2.79 -8.92 14.27
O1 GOL Q . -3.78 -8.19 14.96
C2 GOL Q . -1.66 -9.36 15.29
O2 GOL Q . -2.14 -10.25 16.21
C3 GOL Q . -0.50 -9.97 14.40
O3 GOL Q . 0.31 -10.76 15.23
C1 GOL R . -7.07 -23.05 2.95
O1 GOL R . -7.41 -22.42 1.75
C2 GOL R . -8.21 -22.82 3.96
O2 GOL R . -9.23 -23.74 3.81
C3 GOL R . -7.51 -22.91 5.32
O3 GOL R . -6.45 -21.98 5.24
C1 GOL S . -2.10 -1.31 -21.87
O1 GOL S . -0.80 -1.72 -21.56
C2 GOL S . -2.11 0.22 -21.75
O2 GOL S . -1.79 0.84 -22.94
C3 GOL S . -3.54 0.58 -21.28
O3 GOL S . -4.01 -0.54 -20.56
C1 GOL T . 1.58 -1.64 -18.73
O1 GOL T . 2.46 -2.54 -19.30
C2 GOL T . 2.23 -1.20 -17.41
O2 GOL T . 3.41 -0.51 -17.61
C3 GOL T . 1.17 -0.33 -16.67
O3 GOL T . 0.42 0.37 -17.65
C1 GOL U . -15.04 5.34 15.36
O1 GOL U . -14.27 4.72 16.33
C2 GOL U . -14.49 4.86 14.01
O2 GOL U . -13.83 3.65 14.15
C3 GOL U . -15.75 4.69 13.13
O3 GOL U . -15.39 5.22 11.89
C1 GOL V . 0.66 -8.28 -28.76
O1 GOL V . -0.58 -8.03 -29.34
C2 GOL V . 0.38 -8.70 -27.30
O2 GOL V . -0.56 -9.71 -27.22
C3 GOL V . 1.75 -9.13 -26.74
O3 GOL V . 2.38 -9.87 -27.75
C1 GOL W . -13.25 2.04 -21.54
O1 GOL W . -14.29 2.90 -21.18
C2 GOL W . -12.31 2.82 -22.47
O2 GOL W . -12.20 4.14 -22.08
C3 GOL W . -10.97 2.07 -22.40
O3 GOL W . -9.96 2.90 -22.90
C1 GOL X . -10.51 -8.45 -25.88
O1 GOL X . -11.76 -7.87 -26.10
C2 GOL X . -10.71 -9.99 -25.91
O2 GOL X . -11.74 -10.40 -26.75
C3 GOL X . -9.36 -10.52 -26.38
O3 GOL X . -8.47 -10.13 -25.40
#